data_4XUT
#
_entry.id   4XUT
#
_cell.length_a   92.478
_cell.length_b   92.478
_cell.length_c   48.382
_cell.angle_alpha   90.00
_cell.angle_beta   90.00
_cell.angle_gamma   120.00
#
_symmetry.space_group_name_H-M   'P 32'
#
loop_
_entity.id
_entity.type
_entity.pdbx_description
1 polymer 'Endo-1,4-beta-xylanase C'
2 branched beta-D-glucopyranose-(1-4)-beta-D-glucopyranose
3 non-polymer 'CALCIUM ION'
4 water water
#
_entity_poly.entity_id   1
_entity_poly.type   'polypeptide(L)'
_entity_poly.pdbx_seq_one_letter_code
;APENPGEPGEAGQALFKADFEDGNIGNWRARGTEKLEVVSGIGHNSNRSLKTSSRSETYHGPLVEVLPYLQKGSTVHISF
WAMYDEGPATQVINGSLEKEFNRDTANLEYAMFASTTLNKGQWKKIEADIIVPAESTGISGLRMYAETPWKQSSEVTETD
TIPFYVDDVQITATEAIAIEK
;
_entity_poly.pdbx_strand_id   A,B,C
#
loop_
_chem_comp.id
_chem_comp.type
_chem_comp.name
_chem_comp.formula
BGC D-saccharide, beta linking beta-D-glucopyranose 'C6 H12 O6'
CA non-polymer 'CALCIUM ION' 'Ca 2'
#
# COMPACT_ATOMS: atom_id res chain seq x y z
N ALA A 14 26.28 1.11 4.52
CA ALA A 14 25.18 0.10 4.38
C ALA A 14 25.75 -1.30 4.40
N LEU A 15 25.05 -2.21 5.06
CA LEU A 15 25.42 -3.62 5.07
C LEU A 15 24.99 -4.35 3.81
N PHE A 16 23.89 -3.87 3.22
CA PHE A 16 23.29 -4.48 2.05
C PHE A 16 22.55 -3.37 1.33
N LYS A 17 22.67 -3.33 -0.02
CA LYS A 17 21.96 -2.33 -0.82
C LYS A 17 21.54 -2.93 -2.14
N ALA A 18 20.30 -2.68 -2.54
CA ALA A 18 19.85 -3.06 -3.89
C ALA A 18 19.03 -1.94 -4.52
N ASP A 19 19.56 -1.37 -5.61
CA ASP A 19 18.84 -0.33 -6.38
C ASP A 19 18.47 -0.76 -7.83
N PHE A 20 18.92 -1.95 -8.21
CA PHE A 20 18.60 -2.61 -9.48
C PHE A 20 19.04 -1.85 -10.73
N GLU A 21 19.89 -0.83 -10.55
CA GLU A 21 20.28 0.04 -11.65
C GLU A 21 21.20 -0.65 -12.65
N ASP A 22 21.93 -1.67 -12.19
CA ASP A 22 22.72 -2.54 -13.07
C ASP A 22 21.87 -3.57 -13.85
N GLY A 23 20.58 -3.66 -13.54
CA GLY A 23 19.64 -4.52 -14.23
C GLY A 23 19.73 -5.96 -13.82
N ASN A 24 20.45 -6.26 -12.75
CA ASN A 24 20.65 -7.65 -12.35
C ASN A 24 19.66 -8.10 -11.26
N ILE A 25 19.14 -9.31 -11.44
CA ILE A 25 18.27 -9.94 -10.42
C ILE A 25 19.03 -10.27 -9.15
N GLY A 26 20.36 -10.47 -9.27
CA GLY A 26 21.19 -10.95 -8.17
C GLY A 26 20.61 -12.20 -7.54
N ASN A 27 20.49 -12.21 -6.22
CA ASN A 27 19.97 -13.36 -5.49
C ASN A 27 18.50 -13.28 -5.13
N TRP A 28 17.80 -12.31 -5.70
CA TRP A 28 16.35 -12.18 -5.47
C TRP A 28 15.59 -13.33 -6.13
N ARG A 29 14.60 -13.85 -5.42
CA ARG A 29 13.86 -15.01 -5.87
C ARG A 29 12.39 -14.91 -5.49
N ALA A 30 11.58 -15.63 -6.26
CA ALA A 30 10.17 -15.85 -5.91
C ALA A 30 10.05 -16.79 -4.74
N ARG A 31 8.91 -16.73 -4.04
CA ARG A 31 8.60 -17.67 -2.97
C ARG A 31 7.73 -18.87 -3.39
N GLY A 32 7.00 -18.69 -4.48
CA GLY A 32 6.21 -19.78 -5.06
C GLY A 32 6.29 -19.78 -6.58
N THR A 33 5.13 -19.64 -7.23
CA THR A 33 4.99 -19.66 -8.69
C THR A 33 4.98 -18.30 -9.37
N GLU A 34 5.24 -17.25 -8.60
CA GLU A 34 5.19 -15.89 -9.11
C GLU A 34 6.46 -15.54 -9.95
N LYS A 35 6.39 -14.41 -10.62
CA LYS A 35 7.40 -13.96 -11.57
C LYS A 35 8.10 -12.71 -11.09
N LEU A 36 9.44 -12.78 -11.02
CA LEU A 36 10.29 -11.60 -10.74
C LEU A 36 11.00 -11.12 -11.98
N GLU A 37 11.05 -9.81 -12.16
CA GLU A 37 11.74 -9.23 -13.31
C GLU A 37 12.31 -7.88 -12.93
N VAL A 38 13.57 -7.62 -13.28
CA VAL A 38 14.08 -6.27 -13.15
C VAL A 38 13.61 -5.50 -14.38
N VAL A 39 12.80 -4.48 -14.14
CA VAL A 39 12.19 -3.73 -15.24
C VAL A 39 12.94 -2.43 -15.44
N SER A 40 12.82 -1.86 -16.64
CA SER A 40 13.44 -0.57 -16.89
C SER A 40 12.34 0.40 -17.28
N GLY A 41 12.54 1.65 -16.89
CA GLY A 41 11.55 2.71 -17.08
C GLY A 41 10.54 2.90 -15.95
N ILE A 42 10.70 2.11 -14.87
CA ILE A 42 9.92 2.22 -13.63
C ILE A 42 10.91 2.06 -12.46
N GLY A 43 10.92 3.05 -11.59
CA GLY A 43 11.81 3.02 -10.44
C GLY A 43 11.54 4.16 -9.48
N HIS A 44 12.09 4.03 -8.27
CA HIS A 44 11.98 5.08 -7.25
C HIS A 44 13.10 6.08 -7.56
N ASN A 45 12.74 7.24 -8.09
CA ASN A 45 13.72 8.27 -8.50
C ASN A 45 14.89 7.67 -9.24
N SER A 46 14.54 6.82 -10.19
CA SER A 46 15.52 5.95 -10.87
C SER A 46 14.84 5.21 -11.98
N ASN A 47 15.64 4.52 -12.79
CA ASN A 47 15.16 3.94 -14.01
C ASN A 47 14.77 2.49 -13.89
N ARG A 48 15.24 1.85 -12.81
CA ARG A 48 15.03 0.42 -12.67
C ARG A 48 14.55 0.01 -11.28
N SER A 49 13.78 -1.08 -11.28
CA SER A 49 13.20 -1.66 -10.06
C SER A 49 12.81 -3.10 -10.28
N LEU A 50 12.45 -3.78 -9.18
CA LEU A 50 12.18 -5.20 -9.23
C LEU A 50 10.67 -5.37 -9.19
N LYS A 51 10.11 -5.88 -10.28
CA LYS A 51 8.67 -6.15 -10.36
C LYS A 51 8.35 -7.58 -10.03
N THR A 52 7.32 -7.77 -9.20
CA THR A 52 6.76 -9.07 -8.90
C THR A 52 5.34 -9.14 -9.43
N SER A 53 5.11 -10.13 -10.29
CA SER A 53 3.80 -10.31 -10.91
C SER A 53 3.45 -11.76 -10.98
N SER A 54 2.31 -12.08 -11.58
CA SER A 54 1.83 -13.47 -11.58
C SER A 54 1.70 -14.02 -10.15
N ARG A 55 1.36 -13.13 -9.22
CA ARG A 55 1.10 -13.52 -7.84
C ARG A 55 -0.32 -14.17 -7.72
N SER A 56 -0.40 -15.30 -7.05
CA SER A 56 -1.67 -16.01 -6.80
C SER A 56 -1.85 -16.43 -5.35
N GLU A 57 -0.96 -15.94 -4.49
CA GLU A 57 -1.06 -16.04 -3.05
C GLU A 57 -0.61 -14.69 -2.45
N THR A 58 -1.12 -14.35 -1.26
CA THR A 58 -0.73 -13.10 -0.58
C THR A 58 0.75 -13.10 -0.22
N TYR A 59 1.27 -14.30 0.01
CA TYR A 59 2.65 -14.47 0.43
C TYR A 59 3.64 -14.60 -0.73
N HIS A 60 3.15 -14.49 -1.96
CA HIS A 60 4.02 -14.34 -3.10
C HIS A 60 4.58 -12.93 -3.10
N GLY A 61 5.90 -12.86 -3.32
CA GLY A 61 6.60 -11.60 -3.31
C GLY A 61 8.08 -11.81 -3.46
N PRO A 62 8.81 -10.73 -3.65
CA PRO A 62 10.23 -10.84 -3.89
C PRO A 62 10.98 -11.09 -2.58
N LEU A 63 11.92 -12.00 -2.61
CA LEU A 63 12.65 -12.43 -1.42
C LEU A 63 14.14 -12.44 -1.71
N VAL A 64 14.91 -12.06 -0.70
CA VAL A 64 16.35 -12.24 -0.79
C VAL A 64 16.95 -12.68 0.54
N GLU A 65 17.87 -13.63 0.47
CA GLU A 65 18.67 -14.05 1.66
C GLU A 65 19.61 -12.95 2.11
N VAL A 66 19.52 -12.54 3.38
CA VAL A 66 20.38 -11.48 3.90
C VAL A 66 21.28 -11.90 5.04
N LEU A 67 21.10 -13.10 5.59
CA LEU A 67 21.90 -13.51 6.78
C LEU A 67 23.43 -13.33 6.58
N PRO A 68 23.97 -13.69 5.39
CA PRO A 68 25.41 -13.56 5.18
C PRO A 68 25.95 -12.14 5.26
N TYR A 69 25.11 -11.14 5.03
CA TYR A 69 25.50 -9.76 5.14
C TYR A 69 25.59 -9.24 6.57
N LEU A 70 25.09 -10.01 7.53
CA LEU A 70 24.79 -9.54 8.86
C LEU A 70 25.53 -10.30 9.98
N GLN A 71 25.70 -9.63 11.11
CA GLN A 71 26.26 -10.31 12.30
C GLN A 71 25.10 -10.92 13.11
N LYS A 72 25.22 -12.19 13.47
CA LYS A 72 24.22 -12.82 14.35
C LYS A 72 24.24 -12.15 15.73
N GLY A 73 23.04 -11.92 16.25
CA GLY A 73 22.87 -11.25 17.54
C GLY A 73 22.69 -9.74 17.45
N SER A 74 22.88 -9.17 16.27
CA SER A 74 22.89 -7.72 16.12
C SER A 74 21.49 -7.20 15.86
N THR A 75 21.36 -5.90 15.99
CA THR A 75 20.15 -5.20 15.55
C THR A 75 20.54 -4.36 14.33
N VAL A 76 19.75 -4.50 13.28
CA VAL A 76 19.97 -3.79 12.03
C VAL A 76 18.68 -3.10 11.60
N HIS A 77 18.82 -2.09 10.73
CA HIS A 77 17.70 -1.32 10.23
C HIS A 77 17.46 -1.68 8.78
N ILE A 78 16.27 -2.21 8.45
CA ILE A 78 15.92 -2.56 7.07
C ILE A 78 14.91 -1.56 6.52
N SER A 79 15.18 -1.07 5.32
CA SER A 79 14.22 -0.22 4.57
C SER A 79 14.14 -0.62 3.11
N PHE A 80 12.97 -0.38 2.52
CA PHE A 80 12.80 -0.48 1.08
C PHE A 80 11.64 0.39 0.65
N TRP A 81 11.61 0.66 -0.65
CA TRP A 81 10.52 1.43 -1.24
C TRP A 81 9.64 0.52 -2.07
N ALA A 82 8.35 0.77 -2.03
CA ALA A 82 7.40 -0.06 -2.79
C ALA A 82 6.37 0.79 -3.51
N MET A 83 5.81 0.23 -4.56
CA MET A 83 4.79 0.92 -5.36
C MET A 83 3.98 -0.12 -6.10
N TYR A 84 2.68 0.17 -6.28
CA TYR A 84 1.85 -0.62 -7.18
C TYR A 84 1.04 0.37 -7.99
N ASP A 85 0.65 -0.03 -9.18
CA ASP A 85 -0.04 0.90 -10.10
C ASP A 85 -1.25 0.33 -10.82
N GLU A 86 -1.85 -0.72 -10.26
CA GLU A 86 -3.11 -1.23 -10.79
C GLU A 86 -4.02 -1.76 -9.69
N GLY A 87 -5.33 -1.71 -9.93
CA GLY A 87 -6.32 -2.26 -8.99
C GLY A 87 -6.87 -1.24 -8.01
N PRO A 88 -6.80 -1.55 -6.71
CA PRO A 88 -7.46 -0.71 -5.71
C PRO A 88 -6.80 0.65 -5.51
N ALA A 89 -7.58 1.56 -4.95
CA ALA A 89 -7.10 2.92 -4.68
C ALA A 89 -5.97 2.90 -3.66
N THR A 90 -6.09 2.00 -2.68
CA THR A 90 -5.04 1.77 -1.66
C THR A 90 -4.83 0.29 -1.42
N GLN A 91 -3.64 -0.06 -0.91
CA GLN A 91 -3.33 -1.44 -0.59
C GLN A 91 -2.16 -1.47 0.41
N VAL A 92 -2.24 -2.40 1.35
CA VAL A 92 -1.17 -2.59 2.32
C VAL A 92 -0.09 -3.50 1.74
N ILE A 93 1.18 -3.10 1.91
CA ILE A 93 2.34 -3.95 1.60
C ILE A 93 3.08 -4.14 2.92
N ASN A 94 3.54 -5.36 3.13
CA ASN A 94 4.28 -5.69 4.32
C ASN A 94 5.72 -6.01 3.95
N GLY A 95 6.61 -5.73 4.89
CA GLY A 95 7.97 -6.24 4.83
C GLY A 95 8.07 -7.32 5.88
N SER A 96 8.62 -8.46 5.47
CA SER A 96 8.63 -9.64 6.33
C SER A 96 9.96 -10.39 6.29
N LEU A 97 10.15 -11.26 7.28
CA LEU A 97 11.29 -12.14 7.34
C LEU A 97 10.90 -13.62 7.25
N GLU A 98 11.71 -14.38 6.51
CA GLU A 98 11.62 -15.83 6.51
C GLU A 98 12.87 -16.32 7.17
N LYS A 99 12.70 -17.17 8.19
CA LYS A 99 13.81 -17.69 8.96
C LYS A 99 13.88 -19.19 8.95
N GLU A 100 15.11 -19.68 8.82
CA GLU A 100 15.43 -21.10 8.84
C GLU A 100 16.41 -21.37 9.98
N PHE A 101 16.19 -22.46 10.71
CA PHE A 101 17.06 -22.82 11.82
C PHE A 101 17.58 -24.24 11.61
N ASN A 102 18.86 -24.43 11.90
CA ASN A 102 19.53 -25.74 11.82
C ASN A 102 19.38 -26.43 10.45
N ARG A 103 19.31 -25.62 9.39
CA ARG A 103 19.04 -26.08 8.01
C ARG A 103 17.78 -26.91 7.82
N ASP A 104 16.80 -26.72 8.70
CA ASP A 104 15.54 -27.43 8.64
C ASP A 104 14.57 -26.67 7.73
N THR A 105 14.51 -27.09 6.47
CA THR A 105 13.69 -26.41 5.45
C THR A 105 12.19 -26.74 5.56
N ALA A 106 11.87 -27.74 6.38
CA ALA A 106 10.48 -28.14 6.60
C ALA A 106 9.80 -27.32 7.71
N ASN A 107 10.56 -26.60 8.53
CA ASN A 107 9.99 -25.82 9.65
C ASN A 107 10.49 -24.38 9.64
N LEU A 108 10.18 -23.66 8.57
CA LEU A 108 10.48 -22.23 8.46
C LEU A 108 9.54 -21.41 9.32
N GLU A 109 9.97 -20.21 9.69
CA GLU A 109 9.15 -19.24 10.42
C GLU A 109 9.08 -18.00 9.63
N TYR A 110 8.04 -17.22 9.89
CA TYR A 110 7.75 -16.01 9.15
C TYR A 110 7.34 -14.94 10.12
N ALA A 111 7.83 -13.73 9.93
CA ALA A 111 7.48 -12.61 10.81
C ALA A 111 7.40 -11.32 10.02
N MET A 112 6.33 -10.57 10.20
CA MET A 112 6.26 -9.26 9.60
C MET A 112 7.05 -8.26 10.43
N PHE A 113 7.88 -7.46 9.80
CA PHE A 113 8.59 -6.37 10.51
C PHE A 113 8.02 -4.96 10.30
N ALA A 114 7.30 -4.75 9.20
CA ALA A 114 6.76 -3.43 8.89
C ALA A 114 5.65 -3.54 7.88
N SER A 115 4.78 -2.54 7.89
CA SER A 115 3.59 -2.54 7.08
C SER A 115 3.29 -1.09 6.78
N THR A 116 2.94 -0.76 5.54
CA THR A 116 2.42 0.59 5.25
C THR A 116 1.23 0.46 4.28
N THR A 117 0.33 1.45 4.34
CA THR A 117 -0.74 1.54 3.36
C THR A 117 -0.21 2.40 2.23
N LEU A 118 -0.18 1.86 1.02
CA LEU A 118 0.23 2.63 -0.12
C LEU A 118 -0.99 3.12 -0.90
N ASN A 119 -0.78 4.25 -1.55
CA ASN A 119 -1.74 4.81 -2.50
C ASN A 119 -1.36 4.36 -3.88
N LYS A 120 -2.35 3.96 -4.68
CA LYS A 120 -2.05 3.54 -6.05
C LYS A 120 -1.17 4.55 -6.80
N GLY A 121 -0.10 4.02 -7.39
CA GLY A 121 0.85 4.83 -8.15
C GLY A 121 1.94 5.59 -7.44
N GLN A 122 1.91 5.70 -6.10
CA GLN A 122 2.96 6.45 -5.36
C GLN A 122 3.93 5.51 -4.61
N TRP A 123 5.21 5.82 -4.72
CA TRP A 123 6.26 5.11 -3.96
C TRP A 123 6.19 5.46 -2.48
N LYS A 124 6.39 4.47 -1.63
CA LYS A 124 6.42 4.71 -0.20
C LYS A 124 7.46 3.80 0.47
N LYS A 125 8.03 4.29 1.56
CA LYS A 125 9.09 3.59 2.28
C LYS A 125 8.49 2.69 3.37
N ILE A 126 9.00 1.46 3.47
CA ILE A 126 8.63 0.47 4.47
C ILE A 126 9.94 0.23 5.23
N GLU A 127 9.92 0.40 6.55
CA GLU A 127 11.17 0.25 7.34
C GLU A 127 10.95 -0.14 8.79
N ALA A 128 11.98 -0.77 9.35
CA ALA A 128 12.00 -1.07 10.78
C ALA A 128 13.37 -1.54 11.21
N ASP A 129 13.62 -1.49 12.51
CA ASP A 129 14.68 -2.29 13.10
C ASP A 129 14.30 -3.76 13.22
N ILE A 130 15.25 -4.62 12.96
CA ILE A 130 15.05 -6.04 13.17
C ILE A 130 16.20 -6.58 13.96
N ILE A 131 15.94 -7.69 14.61
CA ILE A 131 16.93 -8.41 15.39
C ILE A 131 17.37 -9.63 14.57
N VAL A 132 18.68 -9.81 14.47
CA VAL A 132 19.25 -10.97 13.83
C VAL A 132 19.49 -11.94 15.00
N PRO A 133 18.83 -13.11 14.97
CA PRO A 133 19.01 -14.06 16.07
C PRO A 133 20.46 -14.47 16.27
N ALA A 134 20.78 -14.88 17.50
CA ALA A 134 22.17 -15.20 17.87
C ALA A 134 22.58 -16.54 17.30
N GLU A 135 23.90 -16.73 17.17
CA GLU A 135 24.47 -17.99 16.70
C GLU A 135 23.85 -19.19 17.43
N SER A 136 23.71 -19.08 18.75
CA SER A 136 23.23 -20.20 19.58
C SER A 136 21.77 -20.64 19.32
N THR A 137 21.00 -19.88 18.54
CA THR A 137 19.71 -20.35 18.05
C THR A 137 19.81 -21.41 16.95
N GLY A 138 20.97 -21.51 16.32
CA GLY A 138 21.15 -22.34 15.15
C GLY A 138 20.57 -21.71 13.87
N ILE A 139 20.25 -20.41 13.93
CA ILE A 139 19.76 -19.70 12.72
C ILE A 139 20.68 -19.97 11.53
N SER A 140 20.08 -20.36 10.40
CA SER A 140 20.80 -20.74 9.18
C SER A 140 20.33 -20.01 7.90
N GLY A 141 19.19 -19.32 8.00
CA GLY A 141 18.76 -18.42 6.93
C GLY A 141 17.91 -17.33 7.48
N LEU A 142 18.02 -16.17 6.86
CA LEU A 142 17.21 -15.03 7.25
C LEU A 142 16.99 -14.23 6.01
N ARG A 143 15.77 -14.24 5.51
CA ARG A 143 15.50 -13.65 4.19
C ARG A 143 14.46 -12.60 4.32
N MET A 144 14.69 -11.44 3.73
CA MET A 144 13.70 -10.40 3.71
C MET A 144 12.84 -10.58 2.48
N TYR A 145 11.55 -10.30 2.64
CA TYR A 145 10.60 -10.32 1.52
C TYR A 145 9.48 -9.32 1.72
N ALA A 146 8.80 -9.01 0.62
CA ALA A 146 7.63 -8.15 0.62
C ALA A 146 6.45 -8.97 0.19
N GLU A 147 5.29 -8.63 0.74
CA GLU A 147 4.08 -9.42 0.50
C GLU A 147 2.88 -8.54 0.82
N THR A 148 1.67 -9.05 0.58
CA THR A 148 0.46 -8.38 1.04
C THR A 148 -0.08 -9.11 2.25
N PRO A 149 -1.03 -8.48 3.00
CA PRO A 149 -1.51 -9.12 4.24
C PRO A 149 -2.14 -10.49 4.00
N TRP A 150 -1.85 -11.41 4.91
CA TRP A 150 -2.25 -12.79 4.80
C TRP A 150 -3.76 -12.98 4.69
N LYS A 151 -4.12 -13.89 3.80
CA LYS A 151 -5.47 -14.42 3.66
C LYS A 151 -5.38 -15.87 3.22
N GLN A 152 -6.28 -16.71 3.74
CA GLN A 152 -6.36 -18.12 3.32
C GLN A 152 -6.69 -18.21 1.83
N SER A 153 -6.09 -19.18 1.14
CA SER A 153 -6.15 -19.33 -0.33
C SER A 153 -7.57 -19.22 -0.91
N SER A 154 -8.55 -19.74 -0.17
CA SER A 154 -9.98 -19.68 -0.55
C SER A 154 -10.64 -18.28 -0.43
N GLU A 155 -10.11 -17.45 0.48
CA GLU A 155 -10.56 -16.06 0.70
C GLU A 155 -9.82 -15.02 -0.18
N VAL A 156 -8.69 -15.45 -0.77
CA VAL A 156 -7.81 -14.56 -1.57
C VAL A 156 -8.58 -14.01 -2.76
N THR A 157 -8.45 -12.71 -2.95
CA THR A 157 -9.10 -12.01 -4.07
C THR A 157 -8.03 -11.33 -4.93
N GLU A 158 -8.48 -10.84 -6.07
CA GLU A 158 -7.62 -10.15 -7.01
C GLU A 158 -6.84 -8.96 -6.43
N THR A 159 -7.52 -8.19 -5.59
CA THR A 159 -6.91 -7.03 -4.97
C THR A 159 -5.73 -7.41 -4.06
N ASP A 160 -5.82 -8.58 -3.44
CA ASP A 160 -4.74 -9.14 -2.62
C ASP A 160 -3.49 -9.53 -3.41
N THR A 161 -3.66 -9.91 -4.66
CA THR A 161 -2.56 -10.48 -5.47
C THR A 161 -2.06 -9.57 -6.60
N ILE A 162 -2.28 -8.27 -6.43
CA ILE A 162 -1.76 -7.28 -7.38
C ILE A 162 -0.24 -7.36 -7.54
N PRO A 163 0.26 -7.06 -8.75
CA PRO A 163 1.70 -6.95 -8.93
C PRO A 163 2.19 -5.70 -8.23
N PHE A 164 3.45 -5.70 -7.83
CA PHE A 164 4.02 -4.52 -7.22
C PHE A 164 5.51 -4.47 -7.44
N TYR A 165 6.04 -3.27 -7.29
CA TYR A 165 7.46 -3.00 -7.48
C TYR A 165 8.13 -2.78 -6.12
N VAL A 166 9.39 -3.18 -6.02
CA VAL A 166 10.28 -2.71 -4.92
C VAL A 166 11.59 -2.14 -5.45
N ASP A 167 12.16 -1.23 -4.68
CA ASP A 167 13.39 -0.55 -5.06
C ASP A 167 14.08 -0.03 -3.82
N ASP A 168 15.34 0.35 -4.00
CA ASP A 168 16.14 1.03 -2.97
C ASP A 168 16.11 0.30 -1.62
N VAL A 169 16.44 -0.98 -1.69
CA VAL A 169 16.43 -1.87 -0.54
C VAL A 169 17.75 -1.59 0.18
N GLN A 170 17.67 -1.40 1.50
CA GLN A 170 18.87 -1.10 2.27
C GLN A 170 18.83 -1.70 3.65
N ILE A 171 19.97 -2.23 4.11
CA ILE A 171 20.13 -2.67 5.49
C ILE A 171 21.33 -1.93 6.10
N THR A 172 21.10 -1.31 7.23
CA THR A 172 22.07 -0.46 7.88
C THR A 172 22.36 -0.93 9.29
N ALA A 173 23.61 -0.75 9.71
CA ALA A 173 24.00 -0.99 11.10
C ALA A 173 23.35 0.02 12.06
N THR A 174 23.15 -0.38 13.30
CA THR A 174 22.57 0.53 14.33
C THR A 174 23.54 0.87 15.47
N ALA B 14 -1.61 25.51 32.93
CA ALA B 14 -1.07 25.41 31.54
C ALA B 14 -1.98 26.13 30.55
N LEU B 15 -1.35 26.81 29.60
CA LEU B 15 -2.09 27.49 28.52
C LEU B 15 -2.51 26.51 27.40
N PHE B 16 -1.70 25.47 27.20
CA PHE B 16 -1.94 24.47 26.16
C PHE B 16 -1.33 23.17 26.69
N LYS B 17 -2.03 22.06 26.53
CA LYS B 17 -1.54 20.74 26.93
C LYS B 17 -1.99 19.70 25.96
N ALA B 18 -1.07 18.87 25.49
CA ALA B 18 -1.45 17.70 24.71
C ALA B 18 -0.72 16.48 25.24
N ASP B 19 -1.50 15.57 25.81
CA ASP B 19 -0.94 14.29 26.34
C ASP B 19 -1.39 13.08 25.55
N PHE B 20 -2.33 13.31 24.62
CA PHE B 20 -2.83 12.30 23.70
C PHE B 20 -3.57 11.12 24.35
N GLU B 21 -3.87 11.23 25.63
CA GLU B 21 -4.44 10.10 26.38
C GLU B 21 -5.88 9.79 25.99
N ASP B 22 -6.58 10.79 25.46
CA ASP B 22 -7.90 10.57 24.85
C ASP B 22 -7.87 9.93 23.45
N GLY B 23 -6.67 9.76 22.91
CA GLY B 23 -6.47 9.14 21.62
C GLY B 23 -6.79 10.03 20.42
N ASN B 24 -6.98 11.32 20.65
CA ASN B 24 -7.37 12.23 19.56
C ASN B 24 -6.17 12.96 18.95
N ILE B 25 -6.17 13.04 17.64
CA ILE B 25 -5.19 13.85 16.89
C ILE B 25 -5.34 15.36 17.13
N GLY B 26 -6.55 15.77 17.50
CA GLY B 26 -6.88 17.20 17.61
C GLY B 26 -6.50 17.97 16.36
N ASN B 27 -5.81 19.08 16.53
CA ASN B 27 -5.37 19.94 15.38
C ASN B 27 -3.96 19.71 14.88
N TRP B 28 -3.32 18.66 15.37
CA TRP B 28 -2.00 18.33 14.93
C TRP B 28 -2.00 17.91 13.48
N ARG B 29 -0.97 18.36 12.77
CA ARG B 29 -0.87 18.09 11.33
C ARG B 29 0.54 17.85 10.87
N ALA B 30 0.64 17.11 9.78
CA ALA B 30 1.88 16.97 9.04
C ALA B 30 2.27 18.29 8.37
N ARG B 31 3.55 18.44 8.09
CA ARG B 31 4.06 19.60 7.32
C ARG B 31 4.08 19.29 5.81
N GLY B 32 4.31 18.04 5.45
CA GLY B 32 4.34 17.63 4.03
C GLY B 32 3.53 16.36 3.85
N THR B 33 4.20 15.33 3.34
CA THR B 33 3.59 14.04 2.98
C THR B 33 3.69 12.97 4.07
N GLU B 34 4.18 13.36 5.24
CA GLU B 34 4.39 12.42 6.34
C GLU B 34 3.09 12.05 7.05
N LYS B 35 3.16 11.02 7.88
CA LYS B 35 2.02 10.42 8.54
C LYS B 35 2.03 10.63 10.04
N LEU B 36 0.94 11.18 10.57
CA LEU B 36 0.74 11.34 12.01
C LEU B 36 -0.32 10.36 12.53
N GLU B 37 -0.04 9.76 13.67
CA GLU B 37 -0.94 8.81 14.28
C GLU B 37 -0.81 8.89 15.79
N VAL B 38 -1.93 8.92 16.49
CA VAL B 38 -1.87 8.73 17.94
C VAL B 38 -1.82 7.21 18.20
N VAL B 39 -0.73 6.78 18.80
CA VAL B 39 -0.51 5.37 19.04
C VAL B 39 -0.81 5.02 20.48
N SER B 40 -1.10 3.75 20.73
CA SER B 40 -1.33 3.31 22.10
C SER B 40 -0.30 2.26 22.45
N GLY B 41 0.08 2.24 23.72
CA GLY B 41 1.15 1.36 24.22
C GLY B 41 2.56 1.94 24.17
N ILE B 42 2.67 3.20 23.72
CA ILE B 42 3.91 3.96 23.68
C ILE B 42 3.57 5.37 24.16
N GLY B 43 4.27 5.81 25.20
CA GLY B 43 4.08 7.15 25.73
C GLY B 43 5.10 7.49 26.78
N HIS B 44 5.15 8.78 27.12
CA HIS B 44 6.03 9.26 28.18
C HIS B 44 5.28 9.10 29.52
N ASN B 45 5.67 8.12 30.32
CA ASN B 45 4.97 7.80 31.60
C ASN B 45 3.46 7.80 31.41
N SER B 46 3.04 7.14 30.35
CA SER B 46 1.68 7.22 29.87
C SER B 46 1.52 6.22 28.72
N ASN B 47 0.26 6.02 28.33
CA ASN B 47 -0.06 4.96 27.38
C ASN B 47 -0.11 5.39 25.94
N ARG B 48 -0.21 6.71 25.72
CA ARG B 48 -0.38 7.23 24.37
C ARG B 48 0.52 8.42 24.04
N SER B 49 0.82 8.52 22.76
CA SER B 49 1.70 9.56 22.20
C SER B 49 1.48 9.71 20.69
N LEU B 50 2.08 10.76 20.11
CA LEU B 50 1.85 11.11 18.71
C LEU B 50 3.04 10.67 17.93
N LYS B 51 2.84 9.70 17.03
CA LYS B 51 3.91 9.20 16.21
C LYS B 51 3.89 9.83 14.84
N THR B 52 5.07 10.21 14.38
CA THR B 52 5.28 10.73 13.05
C THR B 52 6.15 9.75 12.30
N SER B 53 5.63 9.27 11.18
CA SER B 53 6.37 8.33 10.33
C SER B 53 6.20 8.68 8.85
N SER B 54 6.73 7.85 7.97
CA SER B 54 6.72 8.15 6.52
C SER B 54 7.35 9.53 6.26
N ARG B 55 8.37 9.87 7.05
CA ARG B 55 9.12 11.09 6.86
C ARG B 55 10.11 10.86 5.69
N SER B 56 10.16 11.82 4.78
CA SER B 56 11.13 11.79 3.67
C SER B 56 11.91 13.11 3.50
N GLU B 57 11.71 14.03 4.43
CA GLU B 57 12.47 15.26 4.55
C GLU B 57 12.78 15.48 6.04
N THR B 58 13.87 16.18 6.33
CA THR B 58 14.26 16.47 7.73
C THR B 58 13.24 17.36 8.43
N TYR B 59 12.56 18.17 7.65
CA TYR B 59 11.58 19.11 8.18
C TYR B 59 10.18 18.53 8.33
N HIS B 60 10.01 17.25 7.97
CA HIS B 60 8.79 16.56 8.25
C HIS B 60 8.72 16.26 9.73
N GLY B 61 7.57 16.53 10.31
CA GLY B 61 7.35 16.37 11.72
C GLY B 61 6.00 16.88 12.15
N PRO B 62 5.59 16.59 13.39
CA PRO B 62 4.29 17.01 13.88
C PRO B 62 4.22 18.50 14.21
N LEU B 63 3.13 19.13 13.81
CA LEU B 63 2.97 20.57 13.94
C LEU B 63 1.61 20.86 14.49
N VAL B 64 1.53 21.88 15.33
CA VAL B 64 0.24 22.35 15.80
C VAL B 64 0.20 23.87 15.95
N GLU B 65 -0.88 24.46 15.48
CA GLU B 65 -1.12 25.89 15.69
C GLU B 65 -1.39 26.21 17.15
N VAL B 66 -0.60 27.14 17.72
CA VAL B 66 -0.76 27.51 19.13
C VAL B 66 -1.13 28.94 19.36
N LEU B 67 -1.07 29.78 18.32
CA LEU B 67 -1.35 31.20 18.52
C LEU B 67 -2.69 31.46 19.28
N PRO B 68 -3.76 30.74 18.92
CA PRO B 68 -5.05 31.02 19.60
C PRO B 68 -5.08 30.79 21.10
N TYR B 69 -4.17 29.96 21.60
CA TYR B 69 -4.06 29.71 23.05
C TYR B 69 -3.32 30.77 23.83
N LEU B 70 -2.66 31.70 23.14
CA LEU B 70 -1.69 32.56 23.74
C LEU B 70 -2.08 34.01 23.65
N GLN B 71 -1.54 34.81 24.55
CA GLN B 71 -1.68 36.24 24.46
C GLN B 71 -0.54 36.80 23.59
N LYS B 72 -0.89 37.58 22.59
CA LYS B 72 0.12 38.28 21.80
C LYS B 72 0.92 39.24 22.66
N GLY B 73 2.23 39.25 22.45
CA GLY B 73 3.17 40.06 23.22
C GLY B 73 3.83 39.35 24.38
N SER B 74 3.33 38.18 24.75
CA SER B 74 3.70 37.55 26.01
C SER B 74 4.95 36.71 25.84
N THR B 75 5.57 36.36 26.94
CA THR B 75 6.62 35.32 26.99
C THR B 75 6.03 34.09 27.64
N VAL B 76 6.16 32.96 26.96
CA VAL B 76 5.63 31.70 27.43
C VAL B 76 6.72 30.64 27.40
N HIS B 77 6.52 29.57 28.18
CA HIS B 77 7.47 28.45 28.23
C HIS B 77 6.88 27.24 27.52
N ILE B 78 7.54 26.79 26.45
CA ILE B 78 7.08 25.59 25.69
C ILE B 78 7.97 24.42 26.00
N SER B 79 7.34 23.28 26.26
CA SER B 79 8.06 22.02 26.47
C SER B 79 7.34 20.89 25.79
N PHE B 80 8.12 19.87 25.41
CA PHE B 80 7.55 18.60 25.00
C PHE B 80 8.58 17.51 25.21
N TRP B 81 8.08 16.30 25.24
CA TRP B 81 8.93 15.12 25.36
C TRP B 81 9.01 14.44 23.99
N ALA B 82 10.21 13.97 23.65
CA ALA B 82 10.41 13.24 22.40
C ALA B 82 11.15 11.93 22.60
N MET B 83 10.93 11.01 21.68
CA MET B 83 11.60 9.69 21.72
C MET B 83 11.61 9.11 20.32
N TYR B 84 12.65 8.36 20.01
CA TYR B 84 12.65 7.54 18.79
C TYR B 84 13.22 6.19 19.22
N ASP B 85 12.84 5.14 18.49
CA ASP B 85 13.24 3.77 18.90
C ASP B 85 13.71 2.89 17.75
N GLU B 86 14.15 3.50 16.65
CA GLU B 86 14.77 2.72 15.58
C GLU B 86 15.90 3.49 14.90
N GLY B 87 16.87 2.75 14.34
CA GLY B 87 17.97 3.34 13.61
C GLY B 87 19.20 3.64 14.46
N PRO B 88 19.67 4.91 14.46
CA PRO B 88 20.94 5.22 15.08
C PRO B 88 20.91 5.19 16.60
N ALA B 89 22.09 5.06 17.20
CA ALA B 89 22.25 5.00 18.64
C ALA B 89 21.81 6.34 19.27
N THR B 90 22.12 7.43 18.57
CA THR B 90 21.68 8.79 18.98
C THR B 90 21.17 9.57 17.78
N GLN B 91 20.34 10.58 18.06
CA GLN B 91 19.82 11.46 17.00
C GLN B 91 19.31 12.78 17.62
N VAL B 92 19.55 13.87 16.92
CA VAL B 92 19.11 15.20 17.37
C VAL B 92 17.66 15.41 16.92
N ILE B 93 16.83 15.92 17.84
CA ILE B 93 15.49 16.41 17.54
C ILE B 93 15.47 17.89 17.93
N ASN B 94 14.85 18.69 17.07
CA ASN B 94 14.70 20.12 17.31
C ASN B 94 13.25 20.46 17.56
N GLY B 95 13.04 21.50 18.38
CA GLY B 95 11.73 22.09 18.58
C GLY B 95 11.77 23.46 17.93
N SER B 96 10.78 23.75 17.10
CA SER B 96 10.79 24.97 16.31
C SER B 96 9.45 25.66 16.24
N LEU B 97 9.50 26.93 15.82
CA LEU B 97 8.29 27.70 15.53
C LEU B 97 8.17 28.06 14.07
N GLU B 98 6.94 27.97 13.56
CA GLU B 98 6.59 28.44 12.23
C GLU B 98 5.65 29.63 12.44
N LYS B 99 6.02 30.78 11.88
CA LYS B 99 5.26 32.01 12.04
C LYS B 99 4.79 32.59 10.74
N GLU B 100 3.54 33.05 10.79
CA GLU B 100 2.88 33.65 9.65
C GLU B 100 2.43 35.06 10.05
N PHE B 101 2.63 36.03 9.14
CA PHE B 101 2.22 37.40 9.39
C PHE B 101 1.29 37.87 8.28
N ASN B 102 0.21 38.56 8.68
CA ASN B 102 -0.76 39.15 7.72
C ASN B 102 -1.35 38.13 6.74
N ARG B 103 -1.50 36.89 7.20
CA ARG B 103 -1.94 35.75 6.37
C ARG B 103 -1.11 35.52 5.09
N ASP B 104 0.14 35.97 5.09
CA ASP B 104 1.07 35.78 3.97
C ASP B 104 1.76 34.42 4.06
N THR B 105 1.20 33.44 3.36
CA THR B 105 1.70 32.06 3.42
C THR B 105 2.99 31.82 2.63
N ALA B 106 3.40 32.79 1.80
CA ALA B 106 4.63 32.69 1.02
C ALA B 106 5.88 33.16 1.75
N ASN B 107 5.69 33.87 2.87
CA ASN B 107 6.82 34.39 3.64
C ASN B 107 6.70 33.96 5.08
N LEU B 108 6.64 32.65 5.28
CA LEU B 108 6.69 32.08 6.64
C LEU B 108 8.09 32.23 7.17
N GLU B 109 8.19 32.38 8.48
CA GLU B 109 9.48 32.37 9.16
C GLU B 109 9.55 31.18 10.03
N TYR B 110 10.77 30.73 10.29
CA TYR B 110 11.02 29.54 11.06
C TYR B 110 12.10 29.88 12.06
N ALA B 111 11.92 29.42 13.29
CA ALA B 111 12.92 29.67 14.34
C ALA B 111 13.01 28.48 15.25
N MET B 112 14.20 27.94 15.42
CA MET B 112 14.39 26.86 16.34
C MET B 112 14.47 27.41 17.73
N PHE B 113 13.70 26.83 18.66
CA PHE B 113 13.78 27.26 20.06
C PHE B 113 14.60 26.34 20.93
N ALA B 114 14.77 25.07 20.53
CA ALA B 114 15.50 24.11 21.35
C ALA B 114 15.94 22.91 20.51
N SER B 115 17.03 22.29 20.95
CA SER B 115 17.60 21.14 20.24
C SER B 115 18.22 20.24 21.31
N THR B 116 17.99 18.93 21.23
CA THR B 116 18.64 18.00 22.19
C THR B 116 19.09 16.75 21.42
N THR B 117 20.13 16.11 21.93
CA THR B 117 20.55 14.82 21.38
C THR B 117 19.80 13.79 22.20
N LEU B 118 19.01 12.96 21.52
CA LEU B 118 18.35 11.86 22.21
C LEU B 118 19.14 10.55 22.01
N ASN B 119 19.01 9.69 23.00
CA ASN B 119 19.49 8.31 22.96
C ASN B 119 18.36 7.41 22.52
N LYS B 120 18.66 6.48 21.61
CA LYS B 120 17.63 5.58 21.12
C LYS B 120 16.83 4.96 22.28
N GLY B 121 15.50 5.02 22.16
CA GLY B 121 14.59 4.45 23.11
C GLY B 121 14.24 5.26 24.36
N GLN B 122 14.96 6.35 24.64
CA GLN B 122 14.78 7.13 25.88
C GLN B 122 14.05 8.44 25.60
N TRP B 123 13.04 8.71 26.43
CA TRP B 123 12.31 9.99 26.34
C TRP B 123 13.16 11.13 26.89
N LYS B 124 13.11 12.29 26.23
CA LYS B 124 13.85 13.45 26.69
C LYS B 124 13.06 14.73 26.43
N LYS B 125 13.23 15.69 27.32
CA LYS B 125 12.45 16.93 27.33
C LYS B 125 13.16 17.98 26.51
N ILE B 126 12.39 18.67 25.65
CA ILE B 126 12.88 19.71 24.78
C ILE B 126 12.07 20.94 25.21
N GLU B 127 12.73 22.02 25.59
CA GLU B 127 12.01 23.16 26.16
C GLU B 127 12.76 24.48 26.02
N ALA B 128 11.98 25.56 26.03
CA ALA B 128 12.56 26.89 26.06
C ALA B 128 11.46 27.92 26.31
N ASP B 129 11.88 29.11 26.76
CA ASP B 129 11.00 30.27 26.69
C ASP B 129 10.94 30.77 25.27
N ILE B 130 9.76 31.18 24.88
CA ILE B 130 9.56 31.83 23.57
C ILE B 130 8.73 33.09 23.72
N ILE B 131 8.86 33.96 22.73
CA ILE B 131 8.15 35.23 22.69
C ILE B 131 7.04 35.10 21.67
N VAL B 132 5.83 35.52 22.05
CA VAL B 132 4.71 35.58 21.14
C VAL B 132 4.66 37.02 20.62
N PRO B 133 4.78 37.23 19.31
CA PRO B 133 4.81 38.59 18.80
C PRO B 133 3.52 39.37 19.07
N ALA B 134 3.64 40.70 19.12
CA ALA B 134 2.53 41.57 19.50
C ALA B 134 1.50 41.64 18.38
N GLU B 135 0.28 42.01 18.76
CA GLU B 135 -0.81 42.21 17.79
C GLU B 135 -0.40 43.09 16.60
N SER B 136 0.31 44.18 16.88
CA SER B 136 0.71 45.16 15.88
C SER B 136 1.69 44.65 14.82
N THR B 137 2.29 43.47 15.02
CA THR B 137 3.10 42.82 13.95
C THR B 137 2.23 42.25 12.85
N GLY B 138 0.93 42.09 13.10
CA GLY B 138 0.05 41.37 12.18
C GLY B 138 0.22 39.84 12.22
N ILE B 139 0.95 39.33 13.20
CA ILE B 139 1.07 37.88 13.41
C ILE B 139 -0.30 37.21 13.29
N SER B 140 -0.37 36.17 12.45
CA SER B 140 -1.59 35.45 12.13
C SER B 140 -1.50 33.93 12.35
N GLY B 141 -0.31 33.44 12.55
CA GLY B 141 -0.10 32.05 12.93
C GLY B 141 1.17 31.86 13.64
N LEU B 142 1.17 30.92 14.59
CA LEU B 142 2.36 30.60 15.37
C LEU B 142 2.22 29.15 15.72
N ARG B 143 3.01 28.32 15.09
CA ARG B 143 2.82 26.87 15.19
C ARG B 143 4.08 26.23 15.70
N MET B 144 3.94 25.36 16.68
CA MET B 144 5.13 24.64 17.16
C MET B 144 5.25 23.34 16.37
N TYR B 145 6.48 22.93 16.10
CA TYR B 145 6.77 21.68 15.46
C TYR B 145 8.10 21.10 15.89
N ALA B 146 8.21 19.77 15.69
CA ALA B 146 9.44 19.02 15.92
C ALA B 146 9.95 18.48 14.59
N GLU B 147 11.27 18.39 14.48
CA GLU B 147 11.94 17.97 13.24
C GLU B 147 13.33 17.45 13.57
N THR B 148 14.03 16.94 12.57
CA THR B 148 15.45 16.65 12.70
C THR B 148 16.26 17.73 12.00
N PRO B 149 17.57 17.84 12.33
CA PRO B 149 18.36 18.95 11.77
C PRO B 149 18.37 18.97 10.25
N TRP B 150 18.32 20.18 9.73
CA TRP B 150 18.25 20.42 8.30
C TRP B 150 19.34 19.74 7.48
N LYS B 151 18.92 19.21 6.35
CA LYS B 151 19.81 18.76 5.30
C LYS B 151 19.08 18.94 3.97
N GLN B 152 19.82 19.35 2.94
CA GLN B 152 19.26 19.44 1.59
C GLN B 152 18.79 18.07 1.09
N SER B 153 17.67 18.05 0.36
CA SER B 153 16.98 16.80 -0.06
C SER B 153 17.90 15.73 -0.66
N SER B 154 18.91 16.18 -1.41
CA SER B 154 19.92 15.31 -2.05
C SER B 154 20.92 14.64 -1.08
N GLU B 155 21.17 15.31 0.04
CA GLU B 155 22.10 14.85 1.08
C GLU B 155 21.38 14.09 2.25
N VAL B 156 20.05 14.13 2.25
CA VAL B 156 19.21 13.45 3.27
C VAL B 156 19.45 11.95 3.22
N THR B 157 19.65 11.38 4.40
CA THR B 157 19.85 9.94 4.56
C THR B 157 18.75 9.35 5.46
N GLU B 158 18.71 8.02 5.50
CA GLU B 158 17.71 7.28 6.28
C GLU B 158 17.70 7.61 7.79
N THR B 159 18.89 7.83 8.33
CA THR B 159 19.02 8.20 9.73
C THR B 159 18.35 9.57 10.04
N ASP B 160 18.38 10.48 9.07
CA ASP B 160 17.73 11.79 9.17
C ASP B 160 16.19 11.73 9.18
N THR B 161 15.62 10.70 8.55
CA THR B 161 14.17 10.61 8.37
C THR B 161 13.50 9.50 9.21
N ILE B 162 14.16 9.13 10.30
CA ILE B 162 13.55 8.21 11.27
C ILE B 162 12.20 8.70 11.78
N PRO B 163 11.26 7.75 12.04
CA PRO B 163 10.07 8.09 12.75
C PRO B 163 10.37 8.44 14.21
N PHE B 164 9.55 9.30 14.78
CA PHE B 164 9.73 9.63 16.20
C PHE B 164 8.40 9.98 16.84
N TYR B 165 8.40 9.95 18.16
CA TYR B 165 7.22 10.20 18.97
C TYR B 165 7.37 11.51 19.72
N VAL B 166 6.25 12.19 19.93
CA VAL B 166 6.19 13.30 20.89
C VAL B 166 5.03 13.11 21.86
N ASP B 167 5.19 13.68 23.05
CA ASP B 167 4.20 13.56 24.11
C ASP B 167 4.33 14.72 25.08
N ASP B 168 3.31 14.89 25.90
CA ASP B 168 3.31 15.83 27.04
C ASP B 168 3.78 17.19 26.58
N VAL B 169 3.09 17.66 25.55
CA VAL B 169 3.36 18.98 24.97
C VAL B 169 2.67 19.95 25.90
N GLN B 170 3.39 20.98 26.28
CA GLN B 170 2.86 21.93 27.25
C GLN B 170 3.35 23.32 27.00
N ILE B 171 2.45 24.30 27.15
CA ILE B 171 2.80 25.71 27.13
C ILE B 171 2.31 26.35 28.44
N THR B 172 3.23 27.01 29.13
CA THR B 172 2.98 27.58 30.43
C THR B 172 3.27 29.06 30.44
N ALA B 173 2.48 29.80 31.22
CA ALA B 173 2.72 31.23 31.44
C ALA B 173 4.00 31.46 32.22
N THR B 174 4.64 32.62 32.04
CA THR B 174 5.87 32.95 32.80
C THR B 174 5.68 34.15 33.76
N ALA C 14 -27.80 -5.18 -3.55
CA ALA C 14 -27.08 -5.37 -4.87
C ALA C 14 -27.92 -4.82 -6.01
N LEU C 15 -27.24 -4.17 -6.95
CA LEU C 15 -27.90 -3.65 -8.15
C LEU C 15 -28.16 -4.76 -9.17
N PHE C 16 -27.29 -5.76 -9.17
CA PHE C 16 -27.35 -6.89 -10.09
C PHE C 16 -26.74 -8.07 -9.39
N LYS C 17 -27.34 -9.26 -9.53
CA LYS C 17 -26.78 -10.51 -8.98
C LYS C 17 -27.08 -11.65 -9.90
N ALA C 18 -26.09 -12.48 -10.15
CA ALA C 18 -26.31 -13.73 -10.88
C ALA C 18 -25.58 -14.86 -10.15
N ASP C 19 -26.35 -15.79 -9.60
CA ASP C 19 -25.78 -16.95 -8.93
C ASP C 19 -26.08 -18.29 -9.63
N PHE C 20 -26.91 -18.21 -10.68
CA PHE C 20 -27.24 -19.32 -11.54
C PHE C 20 -27.94 -20.50 -10.86
N GLU C 21 -28.42 -20.28 -9.63
CA GLU C 21 -28.99 -21.37 -8.84
C GLU C 21 -30.35 -21.82 -9.35
N ASP C 22 -31.06 -20.94 -10.04
CA ASP C 22 -32.28 -21.30 -10.78
C ASP C 22 -32.04 -22.05 -12.11
N GLY C 23 -30.78 -22.18 -12.49
CA GLY C 23 -30.38 -22.93 -13.69
C GLY C 23 -30.62 -22.19 -14.99
N ASN C 24 -30.92 -20.89 -14.91
CA ASN C 24 -31.26 -20.14 -16.11
C ASN C 24 -30.05 -19.39 -16.67
N ILE C 25 -29.90 -19.44 -17.99
CA ILE C 25 -28.89 -18.63 -18.71
C ILE C 25 -29.17 -17.12 -18.62
N GLY C 26 -30.45 -16.77 -18.42
CA GLY C 26 -30.90 -15.38 -18.49
C GLY C 26 -30.41 -14.69 -19.76
N ASN C 27 -29.83 -13.51 -19.60
CA ASN C 27 -29.34 -12.74 -20.74
C ASN C 27 -27.85 -12.90 -21.04
N TRP C 28 -27.20 -13.86 -20.41
CA TRP C 28 -25.81 -14.15 -20.70
C TRP C 28 -25.63 -14.73 -22.08
N ARG C 29 -24.57 -14.29 -22.75
CA ARG C 29 -24.33 -14.69 -24.15
C ARG C 29 -22.84 -14.84 -24.46
N ALA C 30 -22.57 -15.64 -25.48
CA ALA C 30 -21.23 -15.72 -26.05
C ALA C 30 -20.87 -14.46 -26.80
N ARG C 31 -19.58 -14.23 -26.98
CA ARG C 31 -19.11 -13.10 -27.79
C ARG C 31 -18.78 -13.48 -29.23
N GLY C 32 -18.48 -14.76 -29.44
CA GLY C 32 -18.21 -15.27 -30.79
C GLY C 32 -18.85 -16.62 -30.96
N THR C 33 -18.03 -17.61 -31.29
CA THR C 33 -18.49 -19.00 -31.60
C THR C 33 -18.39 -19.98 -30.43
N GLU C 34 -18.11 -19.46 -29.24
CA GLU C 34 -18.03 -20.28 -28.04
C GLU C 34 -19.40 -20.69 -27.46
N LYS C 35 -19.35 -21.60 -26.49
CA LYS C 35 -20.53 -22.21 -25.90
C LYS C 35 -20.70 -21.85 -24.45
N LEU C 36 -21.88 -21.34 -24.09
CA LEU C 36 -22.25 -21.10 -22.68
C LEU C 36 -23.26 -22.13 -22.19
N GLU C 37 -23.08 -22.57 -20.97
CA GLU C 37 -24.00 -23.53 -20.35
C GLU C 37 -24.06 -23.34 -18.86
N VAL C 38 -25.26 -23.30 -18.28
CA VAL C 38 -25.37 -23.33 -16.83
C VAL C 38 -25.24 -24.80 -16.42
N VAL C 39 -24.22 -25.08 -15.64
CA VAL C 39 -23.91 -26.45 -15.23
C VAL C 39 -24.35 -26.68 -13.81
N SER C 40 -24.56 -27.94 -13.45
CA SER C 40 -24.91 -28.26 -12.09
C SER C 40 -23.83 -29.18 -11.53
N GLY C 41 -23.60 -29.05 -10.23
CA GLY C 41 -22.53 -29.81 -9.55
C GLY C 41 -21.17 -29.15 -9.54
N ILE C 42 -21.10 -27.92 -10.09
CA ILE C 42 -19.90 -27.06 -10.05
C ILE C 42 -20.41 -25.64 -9.75
N GLY C 43 -19.88 -25.06 -8.68
CA GLY C 43 -20.24 -23.72 -8.29
C GLY C 43 -19.38 -23.18 -7.16
N HIS C 44 -19.46 -21.87 -6.96
CA HIS C 44 -18.76 -21.21 -5.85
C HIS C 44 -19.65 -21.32 -4.61
N ASN C 45 -19.27 -22.18 -3.66
CA ASN C 45 -20.09 -22.45 -2.45
C ASN C 45 -21.56 -22.63 -2.79
N SER C 46 -21.80 -23.42 -3.82
CA SER C 46 -23.11 -23.50 -4.46
C SER C 46 -23.07 -24.57 -5.52
N ASN C 47 -24.24 -24.91 -6.03
CA ASN C 47 -24.38 -26.07 -6.88
C ASN C 47 -24.31 -25.77 -8.36
N ARG C 48 -24.49 -24.50 -8.71
CA ARG C 48 -24.56 -24.12 -10.12
C ARG C 48 -23.70 -22.91 -10.47
N SER C 49 -23.26 -22.90 -11.71
CA SER C 49 -22.42 -21.84 -12.28
C SER C 49 -22.49 -21.82 -13.80
N LEU C 50 -21.89 -20.79 -14.39
CA LEU C 50 -21.93 -20.61 -15.83
C LEU C 50 -20.60 -21.05 -16.43
N LYS C 51 -20.65 -22.09 -17.26
CA LYS C 51 -19.45 -22.58 -17.93
C LYS C 51 -19.35 -22.06 -19.35
N THR C 52 -18.16 -21.63 -19.71
CA THR C 52 -17.84 -21.23 -21.08
C THR C 52 -16.82 -22.19 -21.63
N SER C 53 -17.17 -22.82 -22.76
CA SER C 53 -16.28 -23.78 -23.40
C SER C 53 -16.30 -23.61 -24.92
N SER C 54 -15.61 -24.48 -25.64
CA SER C 54 -15.48 -24.30 -27.10
C SER C 54 -14.92 -22.93 -27.45
N ARG C 55 -14.04 -22.42 -26.58
CA ARG C 55 -13.34 -21.18 -26.82
C ARG C 55 -12.21 -21.44 -27.81
N SER C 56 -12.08 -20.58 -28.80
CA SER C 56 -11.00 -20.65 -29.79
C SER C 56 -10.33 -19.29 -30.04
N GLU C 57 -10.75 -18.29 -29.27
CA GLU C 57 -10.13 -16.98 -29.20
C GLU C 57 -10.05 -16.55 -27.72
N THR C 58 -9.06 -15.72 -27.40
CA THR C 58 -8.84 -15.31 -26.00
C THR C 58 -10.00 -14.42 -25.51
N TYR C 59 -10.64 -13.73 -26.46
CA TYR C 59 -11.76 -12.82 -26.17
C TYR C 59 -13.12 -13.50 -26.13
N HIS C 60 -13.13 -14.81 -26.35
CA HIS C 60 -14.30 -15.61 -26.08
C HIS C 60 -14.49 -15.75 -24.59
N GLY C 61 -15.73 -15.52 -24.16
CA GLY C 61 -16.08 -15.60 -22.76
C GLY C 61 -17.52 -15.15 -22.52
N PRO C 62 -18.00 -15.30 -21.30
CA PRO C 62 -19.41 -15.03 -21.01
C PRO C 62 -19.61 -13.53 -20.83
N LEU C 63 -20.69 -13.04 -21.39
CA LEU C 63 -20.98 -11.62 -21.41
C LEU C 63 -22.43 -11.39 -21.02
N VAL C 64 -22.67 -10.30 -20.27
CA VAL C 64 -24.03 -9.89 -19.99
C VAL C 64 -24.19 -8.39 -19.98
N GLU C 65 -25.28 -7.93 -20.58
CA GLU C 65 -25.65 -6.49 -20.52
C GLU C 65 -26.08 -6.04 -19.12
N VAL C 66 -25.43 -4.99 -18.60
CA VAL C 66 -25.76 -4.48 -17.27
C VAL C 66 -26.23 -3.04 -17.21
N LEU C 67 -26.14 -2.32 -18.32
CA LEU C 67 -26.51 -0.89 -18.30
C LEU C 67 -27.91 -0.61 -17.68
N PRO C 68 -28.91 -1.45 -17.98
CA PRO C 68 -30.27 -1.16 -17.44
C PRO C 68 -30.40 -1.24 -15.93
N TYR C 69 -29.49 -1.97 -15.29
CA TYR C 69 -29.47 -2.07 -13.84
C TYR C 69 -28.88 -0.86 -13.13
N LEU C 70 -28.25 0.04 -13.88
CA LEU C 70 -27.38 1.03 -13.30
C LEU C 70 -27.82 2.44 -13.60
N GLN C 71 -27.39 3.36 -12.74
CA GLN C 71 -27.59 4.79 -13.01
C GLN C 71 -26.41 5.29 -13.87
N LYS C 72 -26.72 5.94 -14.97
CA LYS C 72 -25.67 6.60 -15.78
C LYS C 72 -24.99 7.72 -14.97
N GLY C 73 -23.68 7.78 -15.10
CA GLY C 73 -22.87 8.75 -14.36
C GLY C 73 -22.36 8.26 -13.02
N SER C 74 -22.78 7.07 -12.59
CA SER C 74 -22.47 6.60 -11.24
C SER C 74 -21.18 5.80 -11.23
N THR C 75 -20.65 5.59 -10.03
CA THR C 75 -19.57 4.64 -9.80
C THR C 75 -20.16 3.44 -9.06
N VAL C 76 -19.90 2.27 -9.59
CA VAL C 76 -20.39 1.02 -9.02
C VAL C 76 -19.23 0.05 -8.80
N HIS C 77 -19.45 -0.93 -7.93
CA HIS C 77 -18.46 -2.00 -7.68
C HIS C 77 -18.90 -3.31 -8.33
N ILE C 78 -18.11 -3.83 -9.27
CA ILE C 78 -18.41 -5.11 -9.93
C ILE C 78 -17.50 -6.17 -9.40
N SER C 79 -18.10 -7.32 -9.08
CA SER C 79 -17.34 -8.49 -8.65
C SER C 79 -17.92 -9.76 -9.25
N PHE C 80 -17.05 -10.72 -9.46
CA PHE C 80 -17.49 -12.08 -9.81
C PHE C 80 -16.43 -13.06 -9.40
N TRP C 81 -16.86 -14.32 -9.32
CA TRP C 81 -15.95 -15.41 -8.97
C TRP C 81 -15.69 -16.25 -10.20
N ALA C 82 -14.42 -16.62 -10.37
CA ALA C 82 -14.03 -17.43 -11.52
C ALA C 82 -13.22 -18.64 -11.08
N MET C 83 -13.25 -19.67 -11.92
CA MET C 83 -12.50 -20.89 -11.64
C MET C 83 -12.29 -21.61 -12.95
N TYR C 84 -11.15 -22.29 -13.06
CA TYR C 84 -10.93 -23.20 -14.15
C TYR C 84 -10.31 -24.43 -13.50
N ASP C 85 -10.52 -25.59 -14.12
CA ASP C 85 -10.06 -26.86 -13.49
C ASP C 85 -9.36 -27.81 -14.43
N GLU C 86 -8.82 -27.29 -15.52
CA GLU C 86 -8.05 -28.10 -16.44
C GLU C 86 -6.90 -27.29 -17.06
N GLY C 87 -5.83 -27.99 -17.41
CA GLY C 87 -4.72 -27.40 -18.14
C GLY C 87 -3.63 -26.91 -17.20
N PRO C 88 -3.26 -25.62 -17.32
CA PRO C 88 -2.09 -25.12 -16.59
C PRO C 88 -2.30 -24.98 -15.08
N ALA C 89 -1.19 -24.95 -14.34
CA ALA C 89 -1.21 -24.85 -12.88
C ALA C 89 -1.81 -23.51 -12.46
N THR C 90 -1.50 -22.49 -13.23
CA THR C 90 -2.08 -21.14 -13.03
C THR C 90 -2.51 -20.55 -14.39
N GLN C 91 -3.44 -19.60 -14.35
CA GLN C 91 -3.89 -18.88 -15.57
C GLN C 91 -4.57 -17.57 -15.19
N VAL C 92 -4.35 -16.56 -16.02
CA VAL C 92 -4.96 -15.24 -15.81
C VAL C 92 -6.35 -15.23 -16.43
N ILE C 93 -7.28 -14.67 -15.68
CA ILE C 93 -8.63 -14.34 -16.19
C ILE C 93 -8.82 -12.82 -15.97
N ASN C 94 -9.41 -12.20 -16.97
CA ASN C 94 -9.68 -10.76 -16.96
C ASN C 94 -11.19 -10.50 -16.90
N GLY C 95 -11.56 -9.40 -16.26
CA GLY C 95 -12.91 -8.90 -16.26
C GLY C 95 -12.86 -7.65 -17.13
N SER C 96 -13.80 -7.54 -18.07
CA SER C 96 -13.79 -6.45 -19.04
C SER C 96 -15.19 -5.89 -19.30
N LEU C 97 -15.21 -4.69 -19.88
CA LEU C 97 -16.43 -4.03 -20.33
C LEU C 97 -16.49 -3.82 -21.81
N GLU C 98 -17.67 -4.08 -22.37
CA GLU C 98 -17.94 -3.81 -23.77
C GLU C 98 -18.97 -2.69 -23.73
N LYS C 99 -18.66 -1.60 -24.41
CA LYS C 99 -19.53 -0.43 -24.46
C LYS C 99 -19.98 -0.08 -25.86
N GLU C 100 -21.24 0.32 -25.92
CA GLU C 100 -21.88 0.76 -27.12
C GLU C 100 -22.41 2.18 -26.91
N PHE C 101 -22.23 3.03 -27.90
CA PHE C 101 -22.72 4.40 -27.82
C PHE C 101 -23.64 4.67 -29.01
N ASN C 102 -24.75 5.35 -28.74
CA ASN C 102 -25.68 5.81 -29.78
C ASN C 102 -26.19 4.66 -30.66
N ARG C 103 -26.35 3.49 -30.06
CA ARG C 103 -26.74 2.25 -30.75
C ARG C 103 -25.89 1.86 -31.95
N ASP C 104 -24.65 2.33 -31.97
CA ASP C 104 -23.75 2.01 -33.06
C ASP C 104 -23.03 0.70 -32.75
N THR C 105 -23.57 -0.39 -33.29
CA THR C 105 -23.02 -1.74 -33.06
C THR C 105 -21.75 -2.06 -33.86
N ALA C 106 -21.43 -1.21 -34.82
CA ALA C 106 -20.22 -1.38 -35.61
C ALA C 106 -18.96 -0.80 -34.94
N ASN C 107 -19.14 0.06 -33.95
CA ASN C 107 -18.01 0.78 -33.30
C ASN C 107 -18.07 0.69 -31.78
N LEU C 108 -17.96 -0.54 -31.30
CA LEU C 108 -17.88 -0.81 -29.86
C LEU C 108 -16.53 -0.44 -29.28
N GLU C 109 -16.47 -0.23 -27.96
CA GLU C 109 -15.21 -0.07 -27.20
C GLU C 109 -15.12 -1.16 -26.20
N TYR C 110 -13.89 -1.42 -25.79
CA TYR C 110 -13.58 -2.46 -24.84
C TYR C 110 -12.57 -1.96 -23.84
N ALA C 111 -12.76 -2.33 -22.59
CA ALA C 111 -11.84 -1.91 -21.53
C ALA C 111 -11.75 -3.00 -20.48
N MET C 112 -10.54 -3.38 -20.10
CA MET C 112 -10.38 -4.30 -18.97
C MET C 112 -10.55 -3.53 -17.67
N PHE C 113 -11.33 -4.07 -16.73
CA PHE C 113 -11.42 -3.47 -15.40
C PHE C 113 -10.62 -4.17 -14.30
N ALA C 114 -10.32 -5.44 -14.52
CA ALA C 114 -9.64 -6.24 -13.50
C ALA C 114 -8.99 -7.46 -14.12
N SER C 115 -7.93 -7.94 -13.49
CA SER C 115 -7.17 -9.08 -13.98
C SER C 115 -6.56 -9.76 -12.77
N THR C 116 -6.59 -11.09 -12.74
CA THR C 116 -5.86 -11.80 -11.69
C THR C 116 -5.36 -13.11 -12.19
N THR C 117 -4.36 -13.62 -11.49
CA THR C 117 -3.87 -14.99 -11.71
C THR C 117 -4.66 -15.97 -10.82
N LEU C 118 -5.30 -16.97 -11.42
CA LEU C 118 -5.96 -18.02 -10.67
C LEU C 118 -5.08 -19.26 -10.58
N ASN C 119 -5.27 -19.98 -9.49
CA ASN C 119 -4.70 -21.32 -9.28
C ASN C 119 -5.71 -22.37 -9.76
N LYS C 120 -5.23 -23.36 -10.50
CA LYS C 120 -6.12 -24.40 -11.02
C LYS C 120 -7.01 -24.97 -9.91
N GLY C 121 -8.30 -25.07 -10.22
CA GLY C 121 -9.27 -25.62 -9.29
C GLY C 121 -9.81 -24.75 -8.18
N GLN C 122 -9.23 -23.56 -7.95
CA GLN C 122 -9.65 -22.69 -6.87
C GLN C 122 -10.44 -21.51 -7.40
N TRP C 123 -11.59 -21.27 -6.78
CA TRP C 123 -12.39 -20.10 -7.05
C TRP C 123 -11.66 -18.83 -6.53
N LYS C 124 -11.72 -17.77 -7.33
CA LYS C 124 -11.14 -16.49 -6.93
C LYS C 124 -12.02 -15.34 -7.38
N LYS C 125 -12.04 -14.31 -6.57
CA LYS C 125 -12.84 -13.12 -6.82
C LYS C 125 -12.10 -12.10 -7.68
N ILE C 126 -12.77 -11.61 -8.71
CA ILE C 126 -12.23 -10.60 -9.66
C ILE C 126 -13.16 -9.42 -9.42
N GLU C 127 -12.60 -8.25 -9.09
CA GLU C 127 -13.46 -7.11 -8.73
C GLU C 127 -12.80 -5.79 -8.98
N ALA C 128 -13.61 -4.77 -9.17
CA ALA C 128 -13.12 -3.38 -9.27
C ALA C 128 -14.26 -2.42 -9.22
N ASP C 129 -13.95 -1.17 -8.90
CA ASP C 129 -14.90 -0.08 -9.16
C ASP C 129 -14.87 0.27 -10.62
N ILE C 130 -16.04 0.54 -11.17
CA ILE C 130 -16.13 0.98 -12.55
C ILE C 130 -17.04 2.19 -12.61
N ILE C 131 -16.85 2.94 -13.67
CA ILE C 131 -17.61 4.14 -13.90
C ILE C 131 -18.63 3.81 -14.97
N VAL C 132 -19.87 4.20 -14.73
CA VAL C 132 -20.91 4.09 -15.73
C VAL C 132 -20.97 5.47 -16.40
N PRO C 133 -20.69 5.53 -17.71
CA PRO C 133 -20.71 6.84 -18.39
C PRO C 133 -22.06 7.57 -18.32
N ALA C 134 -21.98 8.89 -18.40
CA ALA C 134 -23.15 9.75 -18.22
C ALA C 134 -24.09 9.65 -19.43
N GLU C 135 -25.35 9.99 -19.19
CA GLU C 135 -26.38 10.04 -20.22
C GLU C 135 -25.90 10.77 -21.47
N SER C 136 -25.22 11.90 -21.26
CA SER C 136 -24.80 12.78 -22.35
C SER C 136 -23.71 12.22 -23.27
N THR C 137 -23.07 11.10 -22.91
CA THR C 137 -22.22 10.38 -23.83
C THR C 137 -22.99 9.64 -24.93
N GLY C 138 -24.29 9.43 -24.72
CA GLY C 138 -25.09 8.58 -25.62
C GLY C 138 -24.87 7.07 -25.39
N ILE C 139 -24.20 6.72 -24.29
CA ILE C 139 -24.04 5.31 -23.90
C ILE C 139 -25.38 4.55 -24.03
N SER C 140 -25.34 3.42 -24.73
CA SER C 140 -26.52 2.61 -25.04
C SER C 140 -26.35 1.12 -24.68
N GLY C 141 -25.13 0.72 -24.36
CA GLY C 141 -24.90 -0.63 -23.83
C GLY C 141 -23.63 -0.64 -23.01
N LEU C 142 -23.66 -1.42 -21.94
CA LEU C 142 -22.53 -1.60 -21.07
C LEU C 142 -22.59 -3.00 -20.55
N ARG C 143 -21.68 -3.84 -21.04
CA ARG C 143 -21.77 -5.26 -20.81
C ARG C 143 -20.51 -5.72 -20.15
N MET C 144 -20.65 -6.50 -19.10
CA MET C 144 -19.49 -7.09 -18.48
C MET C 144 -19.20 -8.43 -19.10
N TYR C 145 -17.92 -8.75 -19.22
CA TYR C 145 -17.49 -10.06 -19.68
C TYR C 145 -16.16 -10.50 -19.06
N ALA C 146 -15.92 -11.81 -19.13
CA ALA C 146 -14.68 -12.42 -18.67
C ALA C 146 -14.00 -13.04 -19.87
N GLU C 147 -12.69 -13.04 -19.85
CA GLU C 147 -11.86 -13.50 -20.97
C GLU C 147 -10.46 -13.87 -20.44
N THR C 148 -9.61 -14.40 -21.32
CA THR C 148 -8.21 -14.58 -20.99
C THR C 148 -7.39 -13.53 -21.73
N PRO C 149 -6.13 -13.29 -21.29
CA PRO C 149 -5.34 -12.21 -21.92
C PRO C 149 -5.19 -12.33 -23.42
N TRP C 150 -5.27 -11.19 -24.08
CA TRP C 150 -5.18 -11.11 -25.53
C TRP C 150 -3.95 -11.77 -26.16
N LYS C 151 -4.20 -12.49 -27.24
CA LYS C 151 -3.18 -12.98 -28.16
C LYS C 151 -3.78 -13.01 -29.56
N GLN C 152 -2.98 -12.69 -30.57
CA GLN C 152 -3.42 -12.81 -31.98
C GLN C 152 -3.72 -14.27 -32.33
N SER C 153 -4.75 -14.48 -33.15
CA SER C 153 -5.30 -15.84 -33.46
C SER C 153 -4.23 -16.88 -33.83
N SER C 154 -3.20 -16.43 -34.54
CA SER C 154 -2.06 -17.28 -34.95
C SER C 154 -1.12 -17.69 -33.80
N GLU C 155 -1.04 -16.86 -32.76
CA GLU C 155 -0.23 -17.12 -31.55
C GLU C 155 -0.99 -17.89 -30.43
N VAL C 156 -2.31 -17.95 -30.56
CA VAL C 156 -3.19 -18.55 -29.54
C VAL C 156 -2.85 -20.03 -29.36
N THR C 157 -2.74 -20.44 -28.10
CA THR C 157 -2.45 -21.83 -27.73
C THR C 157 -3.59 -22.38 -26.87
N GLU C 158 -3.52 -23.68 -26.64
CA GLU C 158 -4.53 -24.40 -25.86
C GLU C 158 -4.72 -23.87 -24.43
N THR C 159 -3.62 -23.47 -23.80
CA THR C 159 -3.67 -22.90 -22.46
C THR C 159 -4.48 -21.57 -22.42
N ASP C 160 -4.41 -20.81 -23.49
CA ASP C 160 -5.18 -19.56 -23.64
C ASP C 160 -6.70 -19.74 -23.76
N THR C 161 -7.12 -20.88 -24.32
CA THR C 161 -8.52 -21.10 -24.64
C THR C 161 -9.20 -22.14 -23.75
N ILE C 162 -8.67 -22.32 -22.55
CA ILE C 162 -9.26 -23.19 -21.55
C ILE C 162 -10.70 -22.80 -21.29
N PRO C 163 -11.56 -23.77 -21.05
CA PRO C 163 -12.87 -23.46 -20.51
C PRO C 163 -12.76 -22.95 -19.08
N PHE C 164 -13.73 -22.15 -18.67
CA PHE C 164 -13.73 -21.71 -17.29
C PHE C 164 -15.15 -21.42 -16.84
N TYR C 165 -15.30 -21.34 -15.52
CA TYR C 165 -16.56 -21.08 -14.87
C TYR C 165 -16.59 -19.70 -14.27
N VAL C 166 -17.78 -19.08 -14.27
CA VAL C 166 -18.05 -17.90 -13.46
C VAL C 166 -19.30 -18.09 -12.60
N ASP C 167 -19.31 -17.43 -11.47
CA ASP C 167 -20.39 -17.52 -10.50
C ASP C 167 -20.43 -16.28 -9.63
N ASP C 168 -21.56 -16.11 -8.95
CA ASP C 168 -21.76 -15.04 -7.95
C ASP C 168 -21.32 -13.70 -8.50
N VAL C 169 -21.89 -13.38 -9.64
CA VAL C 169 -21.65 -12.11 -10.29
C VAL C 169 -22.48 -11.10 -9.53
N GLN C 170 -21.87 -9.97 -9.19
CA GLN C 170 -22.55 -8.96 -8.38
C GLN C 170 -22.12 -7.55 -8.71
N ILE C 171 -23.09 -6.63 -8.75
CA ILE C 171 -22.80 -5.20 -8.87
C ILE C 171 -23.44 -4.50 -7.69
N THR C 172 -22.64 -3.68 -7.01
CA THR C 172 -23.05 -3.00 -5.80
C THR C 172 -22.86 -1.49 -5.94
N ALA C 173 -23.78 -0.74 -5.32
CA ALA C 173 -23.65 0.71 -5.23
C ALA C 173 -22.45 1.12 -4.36
N THR C 174 -21.88 2.29 -4.62
CA THR C 174 -20.75 2.82 -3.80
C THR C 174 -21.13 4.06 -2.98
C2 BGC D . 3.27 -22.54 2.88
C3 BGC D . 2.79 -21.11 3.16
C4 BGC D . 4.03 -20.23 3.18
C5 BGC D . 4.74 -20.37 1.81
C6 BGC D . 5.95 -19.49 1.75
C1 BGC D . 3.89 -22.57 1.48
O1 BGC D . 4.15 -23.92 1.04
O2 BGC D . 2.20 -23.48 3.10
O3 BGC D . 2.09 -20.98 4.39
O4 BGC D . 3.57 -18.88 3.42
O5 BGC D . 5.07 -21.74 1.49
O6 BGC D . 6.54 -19.36 0.46
C2 BGC D . 3.63 -16.83 4.49
C3 BGC D . 3.49 -15.89 5.66
C4 BGC D . 2.30 -16.33 6.52
C5 BGC D . 2.42 -17.85 6.81
C6 BGC D . 1.32 -18.47 7.73
C1 BGC D . 3.61 -18.32 4.76
O2 BGC D . 4.86 -16.54 3.83
O3 BGC D . 3.34 -14.52 5.19
O4 BGC D . 2.32 -15.50 7.69
O5 BGC D . 2.47 -18.59 5.57
O6 BGC D . -0.04 -18.40 7.25
CA CA E . 16.20 1.69 -8.80
CA CA F . 0.79 10.61 26.69
CA CA G . -23.85 -20.56 -8.06
#